data_4NKS
#
_entry.id   4NKS
#
_cell.length_a   208.058
_cell.length_b   56.918
_cell.length_c   66.242
_cell.angle_alpha   90.00
_cell.angle_beta   107.73
_cell.angle_gamma   90.00
#
_symmetry.space_group_name_H-M   'C 1 2 1'
#
loop_
_entity.id
_entity.type
_entity.pdbx_description
1 polymer 'Fibroblast growth factor receptor 1'
2 non-polymer N~2~-[(3-methyl-1,2-oxazol-5-yl)methyl]-N~4~-[5-(2-phenylethyl)-1H-pyrazol-3-yl]pyrimidine-2,4-diamine
3 water water
#
_entity_poly.entity_id   1
_entity_poly.type   'polypeptide(L)'
_entity_poly.pdbx_seq_one_letter_code
;GAGVSEYELPEDPRWELPRDRLVLGKPLGEGAFGQVVLAEAIGLDKDKPNRVTKVAVKMLKSDATEKDLSDLISEMEMMK
MIGKHKNIINLLGACTQDGPLYVIVEYASKGNLREYLQARRPPGLEYSYNPSHNPEEQLSSKDLVSCAYQVARGMEYLAS
KKCIHRDLAARNVLVTEDNVMKIADFGLARDIHHIDYYKKTTNGRLPVKWMAPEALFDRIYTHQSDVWSFGVLLWEIFTL
GGSPYPGVPVEELFKLLKEGHRMDKPSNCTNELYMMMRDCWHAVPSQRPTFKQLVEDLDRIVALTSNQE
;
_entity_poly.pdbx_strand_id   A,B
#
loop_
_chem_comp.id
_chem_comp.type
_chem_comp.name
_chem_comp.formula
2M2 non-polymer N~2~-[(3-methyl-1,2-oxazol-5-yl)methyl]-N~4~-[5-(2-phenylethyl)-1H-pyrazol-3-yl]pyrimidine-2,4-diamine 'C20 H21 N7 O'
#
# COMPACT_ATOMS: atom_id res chain seq x y z
N LEU A 9 -5.20 17.80 -48.32
CA LEU A 9 -5.72 16.48 -47.82
C LEU A 9 -7.04 16.10 -48.55
N PRO A 10 -7.13 14.83 -49.01
CA PRO A 10 -8.24 14.38 -49.86
C PRO A 10 -9.61 14.26 -49.12
N GLU A 11 -10.68 14.67 -49.80
CA GLU A 11 -12.02 14.70 -49.21
C GLU A 11 -12.61 13.28 -48.97
N ASP A 12 -13.13 13.05 -47.75
CA ASP A 12 -13.83 11.82 -47.41
C ASP A 12 -15.31 12.17 -47.14
N PRO A 13 -16.16 12.13 -48.17
CA PRO A 13 -17.54 12.62 -48.00
C PRO A 13 -18.40 11.85 -46.99
N ARG A 14 -17.96 10.67 -46.60
CA ARG A 14 -18.57 9.92 -45.48
C ARG A 14 -18.51 10.77 -44.20
N TRP A 15 -17.39 11.49 -44.03
CA TRP A 15 -17.03 12.09 -42.77
C TRP A 15 -16.94 13.62 -42.77
N GLU A 16 -16.78 14.23 -43.95
CA GLU A 16 -16.41 15.65 -44.04
C GLU A 16 -17.53 16.52 -43.55
N LEU A 17 -17.20 17.46 -42.68
CA LEU A 17 -18.19 18.45 -42.23
C LEU A 17 -17.69 19.80 -42.72
N PRO A 18 -18.58 20.65 -43.30
CA PRO A 18 -18.09 21.98 -43.76
C PRO A 18 -17.68 22.83 -42.58
N ARG A 19 -16.59 23.58 -42.72
CA ARG A 19 -16.03 24.40 -41.65
C ARG A 19 -17.03 25.35 -40.98
N ASP A 20 -17.90 25.94 -41.78
CA ASP A 20 -18.95 26.86 -41.27
C ASP A 20 -20.02 26.17 -40.39
N ARG A 21 -19.94 24.84 -40.25
CA ARG A 21 -20.85 24.05 -39.40
C ARG A 21 -20.31 23.77 -38.02
N LEU A 22 -19.11 24.29 -37.73
CA LEU A 22 -18.43 24.04 -36.50
C LEU A 22 -18.17 25.36 -35.78
N VAL A 23 -18.72 25.50 -34.57
CA VAL A 23 -18.45 26.67 -33.71
C VAL A 23 -17.49 26.30 -32.58
N LEU A 24 -16.25 26.77 -32.71
CA LEU A 24 -15.19 26.42 -31.76
C LEU A 24 -15.41 27.16 -30.47
N GLY A 25 -15.07 26.51 -29.38
CA GLY A 25 -15.26 27.08 -28.06
C GLY A 25 -14.08 26.81 -27.13
N LYS A 26 -14.40 26.67 -25.83
CA LYS A 26 -13.40 26.64 -24.77
C LYS A 26 -12.46 25.46 -24.95
N PRO A 27 -11.16 25.66 -24.62
CA PRO A 27 -10.16 24.60 -24.60
C PRO A 27 -10.46 23.55 -23.57
N LEU A 28 -10.09 22.29 -23.85
CA LEU A 28 -10.34 21.18 -22.93
C LEU A 28 -9.08 20.64 -22.21
N GLY A 29 -7.94 20.59 -22.92
CA GLY A 29 -6.68 20.25 -22.27
C GLY A 29 -5.49 20.46 -23.20
N GLN A 35 -4.14 19.70 -29.06
CA GLN A 35 -4.98 20.90 -28.79
C GLN A 35 -6.47 20.54 -28.97
N VAL A 36 -7.12 20.20 -27.86
CA VAL A 36 -8.49 19.76 -27.88
C VAL A 36 -9.39 20.81 -27.28
N VAL A 37 -10.29 21.33 -28.11
CA VAL A 37 -11.33 22.26 -27.69
C VAL A 37 -12.72 21.64 -27.67
N LEU A 38 -13.60 22.23 -26.87
CA LEU A 38 -15.03 21.95 -26.93
C LEU A 38 -15.62 22.75 -28.10
N ALA A 39 -16.67 22.20 -28.72
CA ALA A 39 -17.30 22.82 -29.88
C ALA A 39 -18.74 22.42 -30.06
N GLU A 40 -19.38 23.16 -30.97
CA GLU A 40 -20.75 22.89 -31.37
C GLU A 40 -20.83 22.65 -32.87
N ALA A 41 -21.28 21.46 -33.24
CA ALA A 41 -21.59 21.10 -34.63
C ALA A 41 -23.07 21.32 -34.85
N ILE A 42 -23.42 22.04 -35.91
CA ILE A 42 -24.84 22.33 -36.21
C ILE A 42 -25.48 21.21 -37.05
N ASN A 50 -30.76 21.47 -38.19
CA ASN A 50 -31.02 22.65 -37.34
C ASN A 50 -30.76 22.55 -35.83
N ARG A 51 -30.10 21.46 -35.42
CA ARG A 51 -29.88 21.12 -34.02
C ARG A 51 -28.39 21.18 -33.77
N VAL A 52 -27.96 21.73 -32.64
CA VAL A 52 -26.51 21.75 -32.32
C VAL A 52 -26.12 20.57 -31.42
N THR A 53 -25.01 19.93 -31.74
CA THR A 53 -24.45 18.88 -30.88
C THR A 53 -23.10 19.32 -30.31
N LYS A 54 -22.94 19.24 -29.00
CA LYS A 54 -21.65 19.47 -28.38
C LYS A 54 -20.71 18.34 -28.75
N VAL A 55 -19.55 18.69 -29.28
CA VAL A 55 -18.47 17.76 -29.67
C VAL A 55 -17.07 18.25 -29.15
N ALA A 56 -16.10 17.34 -29.23
CA ALA A 56 -14.70 17.68 -28.99
C ALA A 56 -13.92 17.67 -30.27
N VAL A 57 -13.08 18.66 -30.47
CA VAL A 57 -12.30 18.80 -31.69
C VAL A 57 -10.80 18.80 -31.37
N LYS A 58 -10.02 18.02 -32.10
CA LYS A 58 -8.55 18.02 -31.97
C LYS A 58 -7.92 18.67 -33.21
N MET A 59 -6.85 19.40 -32.97
CA MET A 59 -6.14 20.17 -33.99
C MET A 59 -4.69 20.28 -33.58
N LEU A 60 -3.88 20.68 -34.54
CA LEU A 60 -2.43 20.77 -34.35
C LEU A 60 -2.08 22.07 -33.66
N LYS A 61 -1.20 21.99 -32.66
CA LYS A 61 -0.74 23.19 -31.91
C LYS A 61 0.00 24.16 -32.82
N ASP A 63 2.66 25.53 -33.59
CA ASP A 63 3.68 25.10 -34.56
C ASP A 63 4.06 23.68 -34.29
N ALA A 64 3.88 22.82 -35.29
CA ALA A 64 4.05 21.38 -35.11
C ALA A 64 4.71 20.73 -36.32
N THR A 65 5.27 19.54 -36.07
CA THR A 65 5.91 18.75 -37.11
C THR A 65 4.89 18.21 -38.11
N GLU A 66 5.41 17.70 -39.24
CA GLU A 66 4.60 16.94 -40.18
C GLU A 66 4.21 15.61 -39.53
N LYS A 67 5.15 15.00 -38.81
CA LYS A 67 4.90 13.79 -38.01
C LYS A 67 3.64 13.97 -37.19
N ASP A 68 3.61 15.06 -36.43
CA ASP A 68 2.43 15.38 -35.63
C ASP A 68 1.18 15.36 -36.48
N LEU A 69 1.26 15.87 -37.70
CA LEU A 69 0.19 15.71 -38.68
C LEU A 69 0.01 14.23 -39.13
N SER A 70 1.10 13.48 -39.24
CA SER A 70 1.01 12.06 -39.52
C SER A 70 0.24 11.38 -38.43
N ASP A 71 0.67 11.60 -37.20
CA ASP A 71 0.04 10.98 -36.04
C ASP A 71 -1.44 11.34 -35.95
N LEU A 72 -1.79 12.62 -36.12
CA LEU A 72 -3.19 13.05 -36.13
C LEU A 72 -4.03 12.29 -37.16
N ILE A 73 -3.55 12.22 -38.40
CA ILE A 73 -4.31 11.58 -39.49
C ILE A 73 -4.47 10.08 -39.21
N SER A 74 -3.38 9.44 -38.78
CA SER A 74 -3.42 8.06 -38.31
C SER A 74 -4.54 7.80 -37.31
N GLU A 75 -4.57 8.60 -36.23
CA GLU A 75 -5.59 8.45 -35.21
C GLU A 75 -6.97 8.45 -35.85
N MET A 76 -7.25 9.45 -36.70
CA MET A 76 -8.51 9.55 -37.41
C MET A 76 -8.85 8.34 -38.33
N GLU A 77 -7.89 7.90 -39.12
CA GLU A 77 -8.12 6.80 -40.05
C GLU A 77 -8.36 5.46 -39.31
N MET A 78 -7.64 5.28 -38.21
CA MET A 78 -7.81 4.12 -37.39
C MET A 78 -9.22 4.12 -36.79
N MET A 79 -9.73 5.30 -36.43
CA MET A 79 -11.13 5.44 -35.94
C MET A 79 -12.13 5.13 -37.04
N LYS A 80 -11.84 5.55 -38.26
CA LYS A 80 -12.69 5.17 -39.40
C LYS A 80 -12.86 3.65 -39.50
N MET A 81 -11.79 2.91 -39.27
CA MET A 81 -11.83 1.44 -39.45
C MET A 81 -12.47 0.71 -38.28
N ILE A 82 -12.29 1.24 -37.08
CA ILE A 82 -12.65 0.46 -35.89
C ILE A 82 -14.17 0.28 -35.71
N GLY A 83 -14.91 1.27 -36.17
CA GLY A 83 -16.39 1.22 -36.12
C GLY A 83 -16.95 1.83 -34.85
N LYS A 84 -18.26 1.80 -34.75
CA LYS A 84 -18.98 2.44 -33.65
C LYS A 84 -19.21 1.47 -32.50
N HIS A 85 -18.96 1.90 -31.27
CA HIS A 85 -19.44 1.16 -30.09
C HIS A 85 -19.85 2.18 -29.00
N LYS A 86 -20.79 1.80 -28.12
CA LYS A 86 -21.29 2.72 -27.09
C LYS A 86 -20.18 3.11 -26.15
N ASN A 87 -19.27 2.17 -25.90
CA ASN A 87 -18.29 2.30 -24.87
C ASN A 87 -16.88 2.68 -25.35
N ILE A 88 -16.84 3.39 -26.47
CA ILE A 88 -15.60 4.05 -26.98
C ILE A 88 -15.91 5.43 -27.51
N ILE A 89 -14.93 6.32 -27.41
CA ILE A 89 -15.05 7.59 -28.10
C ILE A 89 -15.17 7.36 -29.61
N ASN A 90 -16.34 7.68 -30.17
CA ASN A 90 -16.59 7.50 -31.60
C ASN A 90 -16.34 8.76 -32.42
N LEU A 91 -15.74 8.60 -33.58
CA LEU A 91 -15.55 9.67 -34.53
C LEU A 91 -16.91 10.14 -35.02
N LEU A 92 -17.04 11.44 -35.19
CA LEU A 92 -18.27 12.03 -35.66
C LEU A 92 -18.11 12.72 -37.03
N GLY A 93 -16.97 13.34 -37.28
CA GLY A 93 -16.67 13.95 -38.58
C GLY A 93 -15.23 14.42 -38.66
N ALA A 94 -14.95 15.23 -39.68
CA ALA A 94 -13.67 15.93 -39.76
C ALA A 94 -13.76 17.11 -40.71
N CYS A 95 -12.97 18.14 -40.41
CA CYS A 95 -12.75 19.24 -41.36
C CYS A 95 -11.35 19.10 -41.91
N THR A 96 -11.27 18.77 -43.19
CA THR A 96 -10.00 18.43 -43.84
C THR A 96 -9.67 19.34 -45.00
N GLN A 97 -10.70 19.95 -45.60
CA GLN A 97 -10.57 20.81 -46.75
C GLN A 97 -10.33 22.28 -46.37
N ASP A 98 -9.30 22.87 -46.97
CA ASP A 98 -9.17 24.33 -47.01
C ASP A 98 -9.10 24.92 -45.61
N GLY A 99 -8.20 24.34 -44.81
CA GLY A 99 -7.96 24.80 -43.44
C GLY A 99 -7.17 23.79 -42.62
N PRO A 100 -6.99 24.07 -41.32
CA PRO A 100 -6.28 23.06 -40.57
C PRO A 100 -7.19 21.84 -40.48
N LEU A 101 -6.61 20.69 -40.12
CA LEU A 101 -7.38 19.48 -39.95
C LEU A 101 -8.10 19.62 -38.61
N TYR A 102 -9.41 19.39 -38.60
CA TYR A 102 -10.13 19.24 -37.34
C TYR A 102 -10.78 17.85 -37.26
N VAL A 103 -10.34 17.04 -36.31
CA VAL A 103 -10.97 15.76 -36.04
C VAL A 103 -12.04 15.98 -34.98
N ILE A 104 -13.23 15.48 -35.28
CA ILE A 104 -14.39 15.75 -34.45
C ILE A 104 -14.92 14.43 -33.89
N VAL A 105 -15.05 14.34 -32.56
CA VAL A 105 -15.47 13.11 -31.92
C VAL A 105 -16.52 13.35 -30.83
N GLU A 106 -16.98 12.26 -30.19
CA GLU A 106 -17.94 12.40 -29.11
C GLU A 106 -17.33 13.17 -27.94
N TYR A 107 -18.13 14.09 -27.38
CA TYR A 107 -17.83 14.85 -26.18
C TYR A 107 -18.32 14.10 -24.96
N ALA A 108 -17.43 14.00 -23.97
CA ALA A 108 -17.70 13.41 -22.68
C ALA A 108 -17.46 14.55 -21.64
N SER A 109 -18.53 15.01 -20.99
CA SER A 109 -18.46 16.22 -20.16
C SER A 109 -17.86 16.05 -18.77
N LYS A 110 -17.61 14.83 -18.29
CA LYS A 110 -17.14 14.63 -16.92
C LYS A 110 -15.66 14.24 -16.78
N GLY A 111 -14.93 14.31 -17.88
CA GLY A 111 -13.48 14.08 -17.85
C GLY A 111 -13.12 12.63 -17.67
N ASN A 112 -11.87 12.36 -17.31
CA ASN A 112 -11.42 10.99 -17.17
C ASN A 112 -11.95 10.27 -15.96
N LEU A 113 -11.85 8.95 -15.97
CA LEU A 113 -12.48 8.12 -14.96
C LEU A 113 -11.84 8.33 -13.60
N ARG A 114 -10.55 8.67 -13.60
CA ARG A 114 -9.87 8.99 -12.37
C ARG A 114 -10.47 10.23 -11.71
N GLU A 115 -10.69 11.27 -12.48
CA GLU A 115 -11.23 12.56 -11.96
C GLU A 115 -12.70 12.41 -11.49
N TYR A 116 -13.46 11.72 -12.32
CA TYR A 116 -14.83 11.36 -12.01
C TYR A 116 -14.92 10.61 -10.69
N LEU A 117 -14.02 9.65 -10.51
CA LEU A 117 -14.04 8.83 -9.32
C LEU A 117 -13.65 9.66 -8.10
N GLN A 118 -12.53 10.36 -8.21
CA GLN A 118 -12.00 11.13 -7.09
C GLN A 118 -13.01 12.15 -6.62
N ALA A 119 -13.67 12.83 -7.56
CA ALA A 119 -14.64 13.87 -7.23
C ALA A 119 -15.89 13.36 -6.52
N ARG A 120 -16.14 12.06 -6.59
CA ARG A 120 -17.27 11.44 -5.89
C ARG A 120 -16.82 10.57 -4.65
N ARG A 121 -15.64 10.86 -4.12
CA ARG A 121 -15.23 10.33 -2.83
C ARG A 121 -16.14 10.87 -1.72
N PRO A 122 -16.42 10.07 -0.68
CA PRO A 122 -17.17 10.64 0.44
C PRO A 122 -16.30 11.65 1.16
N PRO A 123 -16.91 12.52 1.99
CA PRO A 123 -16.29 13.61 2.80
C PRO A 123 -14.99 13.31 3.57
N GLN A 138 -22.37 10.65 -4.86
CA GLN A 138 -21.77 9.39 -4.42
C GLN A 138 -22.18 8.24 -5.33
N LEU A 139 -21.32 7.23 -5.38
CA LEU A 139 -21.48 6.10 -6.24
C LEU A 139 -21.77 4.89 -5.37
N SER A 140 -22.83 4.15 -5.70
CA SER A 140 -23.10 2.89 -5.01
C SER A 140 -22.14 1.80 -5.48
N SER A 141 -22.15 0.71 -4.75
CA SER A 141 -21.44 -0.48 -5.15
C SER A 141 -21.80 -0.87 -6.57
N LYS A 142 -23.09 -0.92 -6.90
CA LYS A 142 -23.52 -1.30 -8.23
C LYS A 142 -22.97 -0.33 -9.29
N ASP A 143 -22.95 0.96 -8.99
CA ASP A 143 -22.36 1.94 -9.93
C ASP A 143 -20.93 1.56 -10.28
N LEU A 144 -20.15 1.21 -9.26
CA LEU A 144 -18.74 1.01 -9.45
C LEU A 144 -18.53 -0.24 -10.27
N VAL A 145 -19.33 -1.24 -9.99
CA VAL A 145 -19.22 -2.44 -10.77
C VAL A 145 -19.67 -2.15 -12.17
N SER A 146 -20.72 -1.37 -12.31
CA SER A 146 -21.20 -1.01 -13.63
C SER A 146 -20.13 -0.36 -14.52
N CYS A 147 -19.31 0.55 -13.96
CA CYS A 147 -18.16 1.16 -14.67
C CYS A 147 -17.23 0.11 -15.20
N ALA A 148 -16.91 -0.85 -14.33
CA ALA A 148 -16.01 -1.91 -14.73
C ALA A 148 -16.60 -2.64 -15.90
N TYR A 149 -17.83 -3.12 -15.75
CA TYR A 149 -18.53 -3.79 -16.88
C TYR A 149 -18.43 -3.00 -18.20
N GLN A 150 -18.56 -1.71 -18.17
CA GLN A 150 -18.64 -0.93 -19.40
C GLN A 150 -17.26 -0.82 -20.07
N VAL A 151 -16.23 -0.68 -19.24
CA VAL A 151 -14.90 -0.56 -19.75
C VAL A 151 -14.58 -1.93 -20.35
N ALA A 152 -15.01 -2.99 -19.68
CA ALA A 152 -14.71 -4.33 -20.21
C ALA A 152 -15.42 -4.52 -21.53
N ARG A 153 -16.64 -3.95 -21.64
CA ARG A 153 -17.40 -4.00 -22.92
C ARG A 153 -16.68 -3.27 -24.02
N GLY A 154 -16.19 -2.08 -23.73
CA GLY A 154 -15.50 -1.31 -24.72
C GLY A 154 -14.27 -2.07 -25.22
N MET A 155 -13.53 -2.64 -24.28
CA MET A 155 -12.30 -3.36 -24.58
C MET A 155 -12.57 -4.63 -25.39
N GLU A 156 -13.65 -5.35 -25.06
CA GLU A 156 -14.00 -6.56 -25.83
C GLU A 156 -14.27 -6.18 -27.28
N TYR A 157 -14.87 -5.03 -27.52
CA TYR A 157 -15.21 -4.66 -28.88
C TYR A 157 -13.93 -4.32 -29.64
N LEU A 158 -13.11 -3.45 -29.05
CA LEU A 158 -11.83 -3.07 -29.62
C LEU A 158 -10.99 -4.29 -29.91
N ALA A 159 -10.99 -5.27 -28.99
CA ALA A 159 -10.33 -6.55 -29.22
C ALA A 159 -10.93 -7.30 -30.38
N SER A 160 -12.23 -7.45 -30.40
CA SER A 160 -12.86 -8.12 -31.57
C SER A 160 -12.41 -7.43 -32.89
N LYS A 161 -12.09 -6.14 -32.84
CA LYS A 161 -11.58 -5.42 -34.02
C LYS A 161 -10.05 -5.38 -34.13
N LYS A 162 -9.40 -6.27 -33.41
CA LYS A 162 -7.96 -6.49 -33.47
C LYS A 162 -7.14 -5.33 -32.96
N CYS A 163 -7.73 -4.49 -32.11
CA CYS A 163 -7.04 -3.28 -31.65
C CYS A 163 -6.43 -3.53 -30.27
N ILE A 164 -5.14 -3.22 -30.08
CA ILE A 164 -4.52 -3.36 -28.76
C ILE A 164 -4.20 -1.99 -28.24
N HIS A 165 -4.76 -1.65 -27.07
CA HIS A 165 -4.60 -0.32 -26.47
C HIS A 165 -3.19 0.07 -26.14
N ARG A 166 -2.53 -0.75 -25.32
CA ARG A 166 -1.14 -0.46 -24.82
C ARG A 166 -1.06 0.59 -23.67
N ASP A 167 -2.09 1.41 -23.44
CA ASP A 167 -2.12 2.21 -22.22
C ASP A 167 -3.53 2.43 -21.63
N LEU A 168 -4.16 1.31 -21.32
CA LEU A 168 -5.45 1.30 -20.68
C LEU A 168 -5.34 1.71 -19.23
N ALA A 169 -6.12 2.72 -18.86
CA ALA A 169 -6.11 3.26 -17.52
C ALA A 169 -7.28 4.17 -17.34
N ALA A 170 -7.68 4.36 -16.08
CA ALA A 170 -8.75 5.30 -15.78
C ALA A 170 -8.51 6.63 -16.47
N ARG A 171 -7.28 7.09 -16.59
CA ARG A 171 -7.04 8.42 -17.17
C ARG A 171 -7.38 8.48 -18.67
N ASN A 172 -7.22 7.38 -19.37
CA ASN A 172 -7.70 7.23 -20.76
C ASN A 172 -9.13 6.66 -20.93
N VAL A 173 -9.97 6.79 -19.91
CA VAL A 173 -11.40 6.48 -20.01
C VAL A 173 -12.08 7.77 -19.69
N LEU A 174 -13.01 8.16 -20.54
CA LEU A 174 -13.72 9.42 -20.36
C LEU A 174 -15.16 9.11 -19.97
N VAL A 175 -15.81 10.03 -19.27
CA VAL A 175 -17.20 9.85 -18.79
C VAL A 175 -18.16 10.93 -19.36
N THR A 176 -19.23 10.49 -20.01
CA THR A 176 -20.21 11.40 -20.59
C THR A 176 -21.17 11.93 -19.54
N GLU A 177 -21.96 12.91 -19.93
CA GLU A 177 -22.95 13.52 -19.05
C GLU A 177 -23.93 12.47 -18.50
N ASP A 178 -24.26 11.46 -19.32
CA ASP A 178 -25.11 10.32 -18.90
C ASP A 178 -24.36 9.22 -18.14
N ASN A 179 -23.13 9.52 -17.72
CA ASN A 179 -22.24 8.60 -16.94
C ASN A 179 -21.84 7.32 -17.68
N VAL A 180 -21.67 7.44 -18.99
CA VAL A 180 -21.29 6.32 -19.84
C VAL A 180 -19.80 6.34 -19.94
N MET A 181 -19.19 5.17 -19.73
CA MET A 181 -17.74 5.05 -19.84
C MET A 181 -17.45 4.92 -21.33
N LYS A 182 -16.48 5.71 -21.79
CA LYS A 182 -15.96 5.64 -23.15
C LYS A 182 -14.43 5.58 -23.17
N ILE A 183 -13.92 4.51 -23.76
CA ILE A 183 -12.48 4.34 -23.84
C ILE A 183 -11.89 5.36 -24.85
N ALA A 184 -10.70 5.87 -24.54
CA ALA A 184 -10.03 6.86 -25.35
C ALA A 184 -8.62 6.40 -25.62
N ASP A 185 -8.02 7.00 -26.65
CA ASP A 185 -6.57 6.82 -26.99
C ASP A 185 -6.26 5.43 -27.41
N PHE A 186 -7.26 4.78 -28.00
CA PHE A 186 -7.09 3.46 -28.55
C PHE A 186 -6.60 3.49 -29.97
N GLY A 187 -6.67 4.62 -30.65
CA GLY A 187 -6.14 4.78 -32.04
C GLY A 187 -4.71 5.29 -32.19
N LEU A 188 -4.12 5.70 -31.09
CA LEU A 188 -2.73 6.18 -31.02
C LEU A 188 -1.71 5.16 -31.51
N ILE A 195 10.02 4.27 -25.58
CA ILE A 195 9.36 4.96 -24.48
C ILE A 195 10.30 5.31 -23.34
N ASP A 196 10.05 6.46 -22.72
CA ASP A 196 10.73 6.85 -21.49
C ASP A 196 9.92 6.35 -20.26
N TYR A 197 10.49 5.37 -19.56
CA TYR A 197 9.83 4.75 -18.42
C TYR A 197 9.79 5.67 -17.21
N TYR A 198 10.50 6.80 -17.28
CA TYR A 198 10.60 7.75 -16.16
C TYR A 198 9.67 8.97 -16.27
N LYS A 199 9.15 9.24 -17.47
CA LYS A 199 8.23 10.36 -17.67
C LYS A 199 6.92 10.14 -16.90
N LYS A 200 6.61 11.08 -16.01
CA LYS A 200 5.36 11.07 -15.24
C LYS A 200 4.20 11.70 -16.05
N THR A 201 2.96 11.32 -15.72
CA THR A 201 1.78 11.92 -16.33
C THR A 201 1.62 13.33 -15.78
N THR A 202 0.70 14.10 -16.36
CA THR A 202 0.34 15.43 -15.85
C THR A 202 0.02 15.46 -14.33
N ASN A 203 -0.41 14.34 -13.79
CA ASN A 203 -0.81 14.23 -12.39
C ASN A 203 0.23 13.57 -11.44
N GLY A 204 1.48 13.43 -11.88
CA GLY A 204 2.55 12.86 -11.03
C GLY A 204 2.65 11.32 -10.88
N ARG A 205 1.96 10.56 -11.74
CA ARG A 205 2.06 9.10 -11.77
C ARG A 205 2.79 8.56 -13.01
N LEU A 206 3.41 7.38 -12.85
CA LEU A 206 4.18 6.71 -13.91
C LEU A 206 3.37 5.65 -14.66
N PRO A 207 3.28 5.77 -15.99
CA PRO A 207 2.54 4.77 -16.78
C PRO A 207 3.08 3.32 -16.69
N VAL A 208 4.36 3.13 -16.41
CA VAL A 208 4.90 1.76 -16.32
C VAL A 208 4.15 0.92 -15.31
N LYS A 209 3.46 1.58 -14.38
CA LYS A 209 2.73 0.90 -13.34
C LYS A 209 1.44 0.30 -13.82
N TRP A 210 1.06 0.54 -15.08
CA TRP A 210 -0.08 -0.16 -15.65
C TRP A 210 0.40 -1.30 -16.59
N MET A 211 1.70 -1.42 -16.79
CA MET A 211 2.20 -2.28 -17.87
C MET A 211 2.46 -3.72 -17.45
N ALA A 212 1.85 -4.66 -18.17
CA ALA A 212 2.17 -6.06 -17.91
C ALA A 212 3.69 -6.27 -18.00
N PRO A 213 4.23 -7.27 -17.27
CA PRO A 213 5.63 -7.63 -17.25
C PRO A 213 6.28 -7.94 -18.62
N GLU A 214 5.58 -8.77 -19.39
CA GLU A 214 6.12 -9.13 -20.69
C GLU A 214 6.22 -7.90 -21.62
N ALA A 215 5.34 -6.93 -21.43
CA ALA A 215 5.37 -5.68 -22.18
C ALA A 215 6.44 -4.76 -21.64
N LEU A 216 6.51 -4.70 -20.33
CA LEU A 216 7.50 -3.90 -19.67
C LEU A 216 8.93 -4.37 -19.95
N PHE A 217 9.25 -5.63 -19.65
CA PHE A 217 10.60 -6.18 -19.91
C PHE A 217 10.86 -6.65 -21.35
N ASP A 218 9.87 -7.21 -22.04
CA ASP A 218 10.13 -7.72 -23.42
C ASP A 218 9.36 -6.99 -24.52
N ARG A 219 8.67 -5.91 -24.16
CA ARG A 219 7.97 -5.10 -25.14
C ARG A 219 7.06 -5.98 -26.04
N ILE A 220 6.49 -7.01 -25.46
CA ILE A 220 5.50 -7.85 -26.15
C ILE A 220 4.14 -7.43 -25.66
N TYR A 221 3.35 -6.87 -26.59
CA TYR A 221 2.04 -6.32 -26.32
C TYR A 221 0.94 -7.16 -26.98
N THR A 222 -0.06 -7.59 -26.23
CA THR A 222 -1.17 -8.37 -26.77
C THR A 222 -2.42 -8.00 -26.04
N HIS A 223 -3.56 -8.57 -26.45
CA HIS A 223 -4.81 -8.38 -25.72
C HIS A 223 -4.65 -8.81 -24.28
N GLN A 224 -3.77 -9.78 -24.03
CA GLN A 224 -3.52 -10.24 -22.66
C GLN A 224 -2.69 -9.27 -21.82
N SER A 225 -1.83 -8.47 -22.44
CA SER A 225 -1.18 -7.38 -21.70
C SER A 225 -2.22 -6.29 -21.34
N ASP A 226 -3.16 -6.05 -22.25
CA ASP A 226 -4.25 -5.13 -21.97
C ASP A 226 -5.14 -5.57 -20.83
N VAL A 227 -5.33 -6.88 -20.73
CA VAL A 227 -6.10 -7.47 -19.63
C VAL A 227 -5.40 -7.25 -18.30
N TRP A 228 -4.07 -7.39 -18.31
CA TRP A 228 -3.32 -7.02 -17.13
C TRP A 228 -3.65 -5.59 -16.71
N SER A 229 -3.54 -4.66 -17.66
CA SER A 229 -3.78 -3.24 -17.40
C SER A 229 -5.21 -3.00 -16.95
N PHE A 230 -6.11 -3.84 -17.44
CA PHE A 230 -7.50 -3.80 -17.00
C PHE A 230 -7.62 -4.09 -15.53
N GLY A 231 -6.87 -5.09 -15.08
CA GLY A 231 -6.86 -5.48 -13.66
C GLY A 231 -6.43 -4.32 -12.78
N VAL A 232 -5.40 -3.60 -13.27
CA VAL A 232 -4.93 -2.39 -12.54
C VAL A 232 -6.03 -1.33 -12.58
N LEU A 233 -6.73 -1.23 -13.68
CA LEU A 233 -7.76 -0.18 -13.80
C LEU A 233 -8.93 -0.49 -12.84
N LEU A 234 -9.29 -1.77 -12.70
CA LEU A 234 -10.26 -2.21 -11.66
C LEU A 234 -9.89 -1.75 -10.27
N TRP A 235 -8.63 -1.97 -9.90
CA TRP A 235 -8.10 -1.46 -8.61
C TRP A 235 -8.38 0.03 -8.44
N GLU A 236 -8.07 0.83 -9.48
CA GLU A 236 -8.42 2.28 -9.50
C GLU A 236 -9.90 2.52 -9.25
N ILE A 237 -10.78 1.78 -9.93
CA ILE A 237 -12.23 1.95 -9.74
C ILE A 237 -12.58 1.76 -8.28
N PHE A 238 -12.13 0.65 -7.69
CA PHE A 238 -12.53 0.30 -6.34
C PHE A 238 -11.77 0.98 -5.24
N THR A 239 -10.72 1.73 -5.55
CA THR A 239 -10.10 2.64 -4.58
C THR A 239 -10.49 4.08 -4.88
N LEU A 240 -11.58 4.24 -5.66
CA LEU A 240 -12.12 5.53 -6.04
C LEU A 240 -11.04 6.51 -6.57
N GLY A 241 -10.25 6.04 -7.52
CA GLY A 241 -9.27 6.87 -8.15
C GLY A 241 -7.95 6.82 -7.40
N GLY A 242 -7.69 5.72 -6.71
CA GLY A 242 -6.44 5.60 -6.00
C GLY A 242 -5.26 5.51 -6.96
N SER A 243 -4.09 5.88 -6.46
CA SER A 243 -2.83 5.83 -7.23
C SER A 243 -2.04 4.52 -6.99
N PRO A 244 -1.71 3.78 -8.03
CA PRO A 244 -1.05 2.51 -7.74
C PRO A 244 0.43 2.66 -7.41
N TYR A 245 0.89 1.89 -6.41
CA TYR A 245 2.26 1.92 -5.91
C TYR A 245 2.66 3.34 -5.57
N PRO A 246 2.05 3.91 -4.54
CA PRO A 246 2.46 5.27 -4.24
C PRO A 246 3.89 5.31 -3.70
N GLY A 247 4.68 6.26 -4.18
CA GLY A 247 6.10 6.41 -3.78
C GLY A 247 7.12 5.42 -4.34
N VAL A 248 6.66 4.48 -5.16
CA VAL A 248 7.53 3.47 -5.74
C VAL A 248 8.06 4.01 -7.06
N PRO A 249 9.37 4.25 -7.15
CA PRO A 249 9.92 4.62 -8.43
C PRO A 249 10.10 3.37 -9.30
N VAL A 250 10.47 3.64 -10.56
CA VAL A 250 10.70 2.64 -11.60
C VAL A 250 11.52 1.42 -11.19
N GLU A 251 12.73 1.63 -10.71
CA GLU A 251 13.62 0.53 -10.41
C GLU A 251 12.98 -0.39 -9.34
N GLU A 252 12.36 0.20 -8.31
CA GLU A 252 11.73 -0.59 -7.26
C GLU A 252 10.50 -1.27 -7.85
N LEU A 253 9.82 -0.60 -8.74
CA LEU A 253 8.74 -1.24 -9.45
C LEU A 253 9.22 -2.56 -10.07
N PHE A 254 10.33 -2.51 -10.81
CA PHE A 254 10.87 -3.69 -11.45
C PHE A 254 11.14 -4.81 -10.48
N LYS A 255 11.70 -4.46 -9.33
CA LYS A 255 11.97 -5.45 -8.28
C LYS A 255 10.64 -6.14 -7.82
N LEU A 256 9.62 -5.35 -7.54
CA LEU A 256 8.33 -5.91 -7.12
C LEU A 256 7.76 -6.90 -8.13
N LEU A 257 7.80 -6.54 -9.42
CA LEU A 257 7.21 -7.40 -10.45
C LEU A 257 7.97 -8.74 -10.56
N LYS A 258 9.31 -8.64 -10.59
CA LYS A 258 10.19 -9.82 -10.67
C LYS A 258 9.99 -10.76 -9.48
N GLU A 259 9.79 -10.19 -8.29
CA GLU A 259 9.46 -10.99 -7.09
C GLU A 259 8.04 -11.54 -7.03
N GLY A 260 7.22 -11.25 -8.03
CA GLY A 260 5.80 -11.63 -8.04
C GLY A 260 4.88 -10.83 -7.12
N HIS A 261 5.20 -9.59 -6.81
CA HIS A 261 4.39 -8.81 -5.91
C HIS A 261 3.02 -8.51 -6.56
N ARG A 262 1.99 -8.30 -5.73
CA ARG A 262 0.67 -8.00 -6.16
C ARG A 262 0.04 -6.98 -5.18
N MET A 263 -0.76 -6.05 -5.72
CA MET A 263 -1.31 -5.01 -4.92
C MET A 263 -2.24 -5.64 -3.91
N ASP A 264 -2.35 -4.97 -2.77
CA ASP A 264 -3.25 -5.40 -1.73
C ASP A 264 -4.68 -5.18 -2.20
N LYS A 265 -5.60 -5.87 -1.55
CA LYS A 265 -7.00 -5.68 -1.82
C LYS A 265 -7.47 -4.33 -1.32
N PRO A 266 -8.18 -3.59 -2.16
CA PRO A 266 -8.85 -2.36 -1.72
C PRO A 266 -9.88 -2.60 -0.62
N SER A 267 -10.14 -1.58 0.18
CA SER A 267 -11.11 -1.70 1.30
C SER A 267 -12.55 -1.85 0.80
N ASN A 268 -12.91 -1.12 -0.24
CA ASN A 268 -14.26 -1.23 -0.79
C ASN A 268 -14.32 -2.30 -1.87
N CYS A 269 -13.95 -3.53 -1.53
CA CYS A 269 -13.79 -4.59 -2.53
C CYS A 269 -14.19 -5.94 -1.95
N THR A 270 -14.98 -6.67 -2.71
CA THR A 270 -15.36 -8.04 -2.38
C THR A 270 -14.23 -8.96 -2.79
N ASN A 271 -14.19 -10.15 -2.23
CA ASN A 271 -13.16 -11.11 -2.54
C ASN A 271 -13.26 -11.51 -3.97
N GLU A 272 -14.48 -11.66 -4.46
CA GLU A 272 -14.70 -12.00 -5.85
C GLU A 272 -14.03 -10.97 -6.80
N LEU A 273 -14.30 -9.71 -6.58
CA LEU A 273 -13.71 -8.69 -7.43
C LEU A 273 -12.19 -8.61 -7.29
N TYR A 274 -11.69 -8.96 -6.11
CA TYR A 274 -10.25 -8.98 -5.90
C TYR A 274 -9.59 -10.18 -6.63
N MET A 275 -10.28 -11.30 -6.63
CA MET A 275 -9.83 -12.44 -7.38
C MET A 275 -9.84 -12.13 -8.88
N MET A 276 -10.84 -11.37 -9.33
CA MET A 276 -10.87 -10.98 -10.74
C MET A 276 -9.59 -10.17 -11.08
N MET A 277 -9.18 -9.25 -10.20
CA MET A 277 -7.98 -8.52 -10.41
C MET A 277 -6.80 -9.44 -10.45
N ARG A 278 -6.75 -10.40 -9.55
CA ARG A 278 -5.53 -11.21 -9.45
C ARG A 278 -5.45 -12.10 -10.69
N ASP A 279 -6.59 -12.60 -11.17
CA ASP A 279 -6.65 -13.39 -12.38
C ASP A 279 -6.18 -12.57 -13.59
N CYS A 280 -6.53 -11.29 -13.60
CA CYS A 280 -6.00 -10.40 -14.60
C CYS A 280 -4.50 -10.28 -14.49
N TRP A 281 -3.94 -10.45 -13.29
CA TRP A 281 -2.48 -10.23 -13.11
C TRP A 281 -1.73 -11.55 -13.05
N HIS A 282 -2.26 -12.56 -13.73
CA HIS A 282 -1.61 -13.83 -13.77
C HIS A 282 -0.22 -13.68 -14.38
N ALA A 283 0.79 -14.25 -13.72
CA ALA A 283 2.14 -14.31 -14.29
C ALA A 283 2.19 -14.78 -15.76
N VAL A 284 1.38 -15.77 -16.08
CA VAL A 284 1.36 -16.40 -17.39
C VAL A 284 0.21 -15.84 -18.23
N PRO A 285 0.53 -15.17 -19.36
CA PRO A 285 -0.50 -14.45 -20.12
C PRO A 285 -1.65 -15.30 -20.64
N SER A 286 -1.36 -16.54 -21.06
CA SER A 286 -2.36 -17.43 -21.56
C SER A 286 -3.41 -17.77 -20.51
N GLN A 287 -3.09 -17.53 -19.23
CA GLN A 287 -3.96 -17.99 -18.15
C GLN A 287 -4.81 -16.86 -17.61
N ARG A 288 -4.53 -15.63 -18.03
CA ARG A 288 -5.43 -14.52 -17.80
C ARG A 288 -6.79 -14.74 -18.48
N PRO A 289 -7.87 -14.20 -17.89
CA PRO A 289 -9.12 -14.13 -18.61
C PRO A 289 -9.04 -13.20 -19.79
N THR A 290 -9.97 -13.41 -20.72
CA THR A 290 -10.20 -12.49 -21.82
C THR A 290 -11.28 -11.49 -21.49
N PHE A 291 -11.37 -10.43 -22.30
CA PHE A 291 -12.35 -9.42 -22.09
C PHE A 291 -13.70 -10.06 -22.30
N LYS A 292 -13.79 -11.06 -23.17
CA LYS A 292 -15.10 -11.73 -23.32
C LYS A 292 -15.53 -12.31 -21.97
N GLN A 293 -14.64 -13.10 -21.33
CA GLN A 293 -14.89 -13.69 -20.02
CA GLN A 293 -14.91 -13.68 -20.03
C GLN A 293 -15.24 -12.58 -19.01
N LEU A 294 -14.45 -11.51 -19.03
CA LEU A 294 -14.60 -10.43 -18.03
C LEU A 294 -15.96 -9.76 -18.16
N VAL A 295 -16.35 -9.51 -19.39
CA VAL A 295 -17.67 -8.94 -19.66
C VAL A 295 -18.77 -9.83 -19.11
N GLU A 296 -18.69 -11.12 -19.37
CA GLU A 296 -19.72 -12.06 -18.88
C GLU A 296 -19.75 -12.15 -17.33
N ASP A 297 -18.57 -12.10 -16.70
CA ASP A 297 -18.51 -12.18 -15.25
C ASP A 297 -18.97 -10.87 -14.64
N LEU A 298 -18.61 -9.75 -15.24
CA LEU A 298 -19.06 -8.48 -14.69
C LEU A 298 -20.56 -8.29 -14.88
N ASP A 299 -21.13 -8.83 -15.95
CA ASP A 299 -22.55 -8.72 -16.19
C ASP A 299 -23.30 -9.36 -15.05
N ARG A 300 -22.91 -10.59 -14.71
CA ARG A 300 -23.53 -11.32 -13.62
C ARG A 300 -23.35 -10.60 -12.28
N ILE A 301 -22.18 -10.01 -12.06
CA ILE A 301 -21.90 -9.40 -10.78
C ILE A 301 -22.71 -8.12 -10.61
N VAL A 302 -22.58 -7.23 -11.60
CA VAL A 302 -23.43 -6.03 -11.63
C VAL A 302 -24.83 -6.39 -11.13
N ALA A 303 -25.44 -7.36 -11.80
CA ALA A 303 -26.80 -7.85 -11.47
C ALA A 303 -26.98 -8.14 -9.98
N LEU A 304 -26.07 -8.92 -9.40
CA LEU A 304 -26.12 -9.29 -7.97
C LEU A 304 -25.51 -8.26 -7.01
N THR A 305 -25.02 -7.14 -7.51
CA THR A 305 -24.53 -6.10 -6.60
C THR A 305 -25.66 -5.12 -6.24
N SER A 306 -25.79 -4.86 -4.93
CA SER A 306 -26.73 -3.91 -4.41
C SER A 306 -26.68 -2.53 -5.09
N SER B 5 34.29 -1.47 35.42
CA SER B 5 33.50 -2.31 34.42
C SER B 5 34.37 -3.27 33.57
N GLU B 6 35.62 -2.85 33.29
CA GLU B 6 36.53 -3.62 32.44
C GLU B 6 36.97 -4.95 33.05
N TYR B 7 37.23 -4.94 34.36
CA TYR B 7 37.73 -6.12 35.10
C TYR B 7 36.67 -6.73 35.99
N GLU B 8 35.76 -5.92 36.53
CA GLU B 8 34.63 -6.44 37.31
C GLU B 8 33.43 -5.52 37.34
N LEU B 9 32.24 -6.06 37.11
CA LEU B 9 31.03 -5.27 37.25
C LEU B 9 30.64 -5.19 38.72
N PRO B 10 29.95 -4.12 39.12
CA PRO B 10 29.27 -4.11 40.45
C PRO B 10 28.32 -5.32 40.68
N GLU B 11 28.23 -5.80 41.91
CA GLU B 11 27.30 -6.86 42.30
C GLU B 11 25.86 -6.35 42.58
N ASP B 12 24.85 -7.13 42.19
CA ASP B 12 23.47 -6.92 42.66
C ASP B 12 22.89 -8.24 43.16
N PRO B 13 23.09 -8.57 44.46
CA PRO B 13 22.72 -9.88 44.99
C PRO B 13 21.23 -10.19 44.83
N ARG B 14 20.39 -9.16 44.82
CA ARG B 14 18.95 -9.33 44.54
C ARG B 14 18.63 -10.09 43.23
N TRP B 15 19.45 -9.90 42.21
CA TRP B 15 19.17 -10.43 40.89
C TRP B 15 20.11 -11.50 40.46
N GLU B 16 21.13 -11.76 41.27
CA GLU B 16 22.28 -12.56 40.86
C GLU B 16 21.99 -14.04 40.90
N LEU B 17 22.04 -14.70 39.76
CA LEU B 17 21.94 -16.14 39.68
C LEU B 17 23.33 -16.72 39.49
N PRO B 18 23.68 -17.79 40.24
CA PRO B 18 24.98 -18.41 40.06
C PRO B 18 25.05 -19.26 38.79
N ARG B 19 26.24 -19.32 38.21
CA ARG B 19 26.39 -19.87 36.86
C ARG B 19 26.10 -21.35 36.74
N ASP B 20 26.31 -22.07 37.83
CA ASP B 20 26.03 -23.49 37.88
C ASP B 20 24.53 -23.76 37.71
N ARG B 21 23.71 -22.75 37.98
CA ARG B 21 22.26 -22.89 37.91
C ARG B 21 21.69 -22.33 36.60
N LEU B 22 22.53 -22.28 35.55
CA LEU B 22 22.09 -21.81 34.22
C LEU B 22 22.65 -22.70 33.11
N VAL B 23 21.77 -23.29 32.31
CA VAL B 23 22.22 -24.18 31.21
C VAL B 23 21.85 -23.63 29.86
N LEU B 24 22.83 -23.01 29.20
CA LEU B 24 22.66 -22.39 27.88
C LEU B 24 22.30 -23.45 26.83
N GLY B 25 21.50 -23.07 25.85
CA GLY B 25 21.02 -24.01 24.84
C GLY B 25 21.02 -23.35 23.47
N LYS B 26 20.03 -23.73 22.67
CA LYS B 26 19.94 -23.33 21.26
C LYS B 26 19.92 -21.80 21.13
N PRO B 27 20.67 -21.24 20.16
CA PRO B 27 20.59 -19.81 19.89
C PRO B 27 19.23 -19.40 19.33
N LEU B 28 18.76 -18.22 19.72
CA LEU B 28 17.50 -17.70 19.27
C LEU B 28 17.69 -16.58 18.24
N GLY B 29 18.63 -15.68 18.47
CA GLY B 29 18.91 -14.61 17.53
C GLY B 29 20.21 -13.89 17.87
N GLU B 30 20.66 -13.02 16.97
CA GLU B 30 21.96 -12.33 17.10
C GLU B 30 21.93 -10.96 16.45
N GLY B 31 22.05 -9.91 17.26
CA GLY B 31 22.14 -8.52 16.76
C GLY B 31 23.56 -8.14 16.34
N ALA B 32 23.84 -6.84 16.32
CA ALA B 32 25.19 -6.34 16.04
C ALA B 32 26.17 -6.74 17.16
N GLY B 34 25.85 -8.22 20.63
CA GLY B 34 24.54 -8.73 21.05
C GLY B 34 24.16 -10.09 20.44
N GLN B 35 23.84 -11.05 21.34
CA GLN B 35 23.42 -12.41 21.03
C GLN B 35 22.47 -12.94 22.11
N VAL B 36 21.54 -13.80 21.69
CA VAL B 36 20.43 -14.29 22.50
C VAL B 36 20.23 -15.80 22.33
N VAL B 37 20.19 -16.51 23.47
CA VAL B 37 20.03 -17.97 23.48
C VAL B 37 18.88 -18.49 24.37
N LEU B 38 18.34 -19.63 23.99
CA LEU B 38 17.44 -20.36 24.87
C LEU B 38 18.30 -20.95 25.98
N ALA B 39 17.82 -20.87 27.21
CA ALA B 39 18.51 -21.51 28.32
C ALA B 39 17.50 -22.12 29.30
N GLU B 40 18.05 -22.86 30.26
CA GLU B 40 17.29 -23.43 31.35
C GLU B 40 17.92 -22.98 32.62
N ALA B 41 17.14 -22.26 33.43
CA ALA B 41 17.60 -21.75 34.71
C ALA B 41 17.01 -22.60 35.84
N ILE B 42 17.89 -23.05 36.75
CA ILE B 42 17.55 -23.96 37.83
C ILE B 42 17.47 -23.16 39.15
N GLY B 43 16.25 -22.88 39.61
CA GLY B 43 16.01 -22.29 40.93
C GLY B 43 16.03 -20.77 40.99
N LEU B 44 15.09 -20.12 40.28
CA LEU B 44 15.02 -18.64 40.21
C LEU B 44 14.37 -18.11 41.47
N PRO B 49 12.91 -23.68 44.11
CA PRO B 49 14.34 -23.84 44.39
C PRO B 49 15.05 -24.93 43.57
N ASN B 50 14.26 -25.79 42.95
CA ASN B 50 14.77 -26.79 42.01
C ASN B 50 13.94 -26.86 40.71
N ARG B 51 12.97 -25.94 40.56
CA ARG B 51 12.22 -25.78 39.30
C ARG B 51 13.17 -25.26 38.17
N VAL B 52 12.95 -25.76 36.96
CA VAL B 52 13.69 -25.32 35.80
C VAL B 52 12.76 -24.57 34.87
N THR B 53 13.13 -23.32 34.62
CA THR B 53 12.32 -22.43 33.84
C THR B 53 13.02 -22.20 32.49
N LYS B 54 12.27 -22.39 31.42
CA LYS B 54 12.72 -21.97 30.11
C LYS B 54 12.97 -20.45 30.20
N VAL B 55 14.19 -20.02 29.91
CA VAL B 55 14.51 -18.59 29.85
C VAL B 55 15.26 -18.22 28.56
N ALA B 56 15.18 -16.94 28.21
CA ALA B 56 16.04 -16.27 27.23
C ALA B 56 17.21 -15.53 27.93
N VAL B 57 18.39 -15.65 27.33
CA VAL B 57 19.60 -15.08 27.86
C VAL B 57 20.26 -14.20 26.82
N LYS B 58 20.52 -12.95 27.18
CA LYS B 58 21.25 -12.08 26.31
C LYS B 58 22.68 -11.87 26.81
N MET B 59 23.64 -11.85 25.89
CA MET B 59 25.08 -11.73 26.22
C MET B 59 25.81 -11.06 25.07
N LEU B 60 27.04 -10.64 25.31
CA LEU B 60 27.87 -10.08 24.26
C LEU B 60 28.33 -11.18 23.33
N LYS B 61 28.72 -10.79 22.11
CA LYS B 61 29.45 -11.61 21.20
C LYS B 61 30.93 -11.37 21.42
N SER B 62 31.76 -12.27 20.89
CA SER B 62 33.16 -12.33 21.28
C SER B 62 33.94 -11.15 20.73
N ASP B 63 33.36 -10.44 19.77
CA ASP B 63 34.00 -9.26 19.20
C ASP B 63 33.47 -7.92 19.71
N ALA B 64 32.72 -7.93 20.82
CA ALA B 64 32.14 -6.73 21.41
C ALA B 64 33.17 -5.90 22.18
N THR B 65 32.85 -4.63 22.37
CA THR B 65 33.79 -3.66 23.02
C THR B 65 33.21 -3.23 24.36
N GLU B 66 33.98 -2.41 25.07
CA GLU B 66 33.56 -1.83 26.29
C GLU B 66 32.16 -1.18 26.12
N LYS B 67 32.00 -0.39 25.07
CA LYS B 67 30.76 0.31 24.84
C LYS B 67 29.60 -0.66 24.62
N ASP B 68 29.83 -1.77 23.95
CA ASP B 68 28.73 -2.76 23.81
C ASP B 68 28.35 -3.36 25.20
N LEU B 69 29.35 -3.60 26.06
CA LEU B 69 29.09 -4.07 27.41
C LEU B 69 28.26 -3.09 28.23
N SER B 70 28.68 -1.85 28.21
CA SER B 70 28.00 -0.83 28.95
C SER B 70 26.54 -0.61 28.40
N ASP B 71 26.34 -0.80 27.10
CA ASP B 71 24.98 -0.76 26.53
C ASP B 71 24.12 -1.88 27.09
N LEU B 72 24.71 -3.08 27.23
CA LEU B 72 24.00 -4.23 27.73
C LEU B 72 23.65 -4.06 29.21
N ILE B 73 24.62 -3.49 29.95
CA ILE B 73 24.45 -3.15 31.36
C ILE B 73 23.21 -2.26 31.54
N SER B 74 23.20 -1.13 30.84
CA SER B 74 22.12 -0.16 30.97
C SER B 74 20.80 -0.74 30.54
N GLU B 75 20.80 -1.58 29.51
CA GLU B 75 19.54 -2.27 29.17
C GLU B 75 19.01 -2.98 30.44
N MET B 76 19.82 -3.82 31.08
CA MET B 76 19.43 -4.52 32.30
C MET B 76 19.01 -3.59 33.45
N GLU B 77 19.86 -2.61 33.74
CA GLU B 77 19.54 -1.64 34.80
C GLU B 77 18.18 -0.94 34.53
N MET B 78 17.93 -0.64 33.26
CA MET B 78 16.64 -0.07 32.84
C MET B 78 15.50 -1.00 33.15
N MET B 79 15.69 -2.28 32.92
CA MET B 79 14.65 -3.25 33.26
C MET B 79 14.35 -3.27 34.78
N LYS B 80 15.39 -3.13 35.59
CA LYS B 80 15.20 -3.05 37.03
C LYS B 80 14.35 -1.85 37.42
N MET B 81 14.60 -0.70 36.81
CA MET B 81 13.86 0.54 37.12
C MET B 81 12.39 0.48 36.67
N ILE B 82 12.16 -0.21 35.56
CA ILE B 82 10.86 -0.23 34.90
C ILE B 82 9.84 -1.11 35.65
N GLY B 83 10.31 -2.19 36.28
CA GLY B 83 9.44 -3.10 36.99
C GLY B 83 8.76 -4.15 36.12
N LYS B 84 7.87 -4.94 36.73
CA LYS B 84 7.29 -6.15 36.12
C LYS B 84 5.87 -5.88 35.53
N HIS B 85 5.60 -6.37 34.34
CA HIS B 85 4.24 -6.28 33.76
C HIS B 85 4.02 -7.45 32.78
N LYS B 86 2.78 -7.98 32.77
CA LYS B 86 2.43 -9.12 31.92
C LYS B 86 2.81 -8.90 30.45
N ASN B 87 2.55 -7.70 29.94
CA ASN B 87 2.74 -7.41 28.52
C ASN B 87 4.07 -6.76 28.09
N ILE B 88 5.09 -7.02 28.91
CA ILE B 88 6.46 -6.67 28.54
C ILE B 88 7.30 -7.90 28.84
N ILE B 89 8.49 -7.95 28.25
CA ILE B 89 9.46 -8.96 28.58
C ILE B 89 10.10 -8.57 29.90
N ASN B 90 10.08 -9.47 30.89
CA ASN B 90 10.50 -9.20 32.23
C ASN B 90 11.83 -9.82 32.56
N LEU B 91 12.62 -9.07 33.33
CA LEU B 91 13.91 -9.51 33.82
C LEU B 91 13.72 -10.57 34.89
N LEU B 92 14.37 -11.71 34.78
CA LEU B 92 14.34 -12.74 35.84
C LEU B 92 15.63 -12.88 36.66
N GLY B 93 16.77 -12.72 36.02
CA GLY B 93 18.02 -12.82 36.72
C GLY B 93 19.17 -12.35 35.88
N ALA B 94 20.37 -12.58 36.42
CA ALA B 94 21.62 -12.16 35.82
C ALA B 94 22.85 -12.87 36.41
N CYS B 95 23.80 -13.21 35.54
CA CYS B 95 25.16 -13.56 35.99
C CYS B 95 26.04 -12.46 35.51
N THR B 96 26.58 -11.74 36.49
CA THR B 96 27.40 -10.57 36.32
C THR B 96 28.81 -10.72 36.84
N GLN B 97 29.06 -11.76 37.63
CA GLN B 97 30.35 -11.93 38.32
C GLN B 97 31.08 -13.15 37.80
N ASP B 98 32.41 -13.09 37.80
CA ASP B 98 33.26 -14.20 37.39
C ASP B 98 32.91 -14.76 36.00
N GLY B 99 32.83 -13.88 35.02
CA GLY B 99 32.56 -14.28 33.66
C GLY B 99 31.65 -13.33 32.92
N PRO B 100 31.35 -13.64 31.66
CA PRO B 100 30.55 -12.71 30.82
C PRO B 100 29.15 -12.45 31.38
N LEU B 101 28.67 -11.24 31.15
CA LEU B 101 27.37 -10.83 31.54
C LEU B 101 26.24 -11.60 30.86
N TYR B 102 25.43 -12.29 31.65
CA TYR B 102 24.23 -12.95 31.15
C TYR B 102 23.06 -12.20 31.75
N VAL B 103 22.15 -11.76 30.90
CA VAL B 103 20.92 -11.09 31.29
C VAL B 103 19.75 -12.04 31.02
N ILE B 104 19.06 -12.43 32.07
CA ILE B 104 18.12 -13.53 31.97
C ILE B 104 16.71 -12.97 32.03
N VAL B 105 15.93 -13.28 31.01
CA VAL B 105 14.59 -12.73 30.88
C VAL B 105 13.57 -13.81 30.49
N GLU B 106 12.30 -13.44 30.48
CA GLU B 106 11.20 -14.34 30.05
C GLU B 106 11.39 -14.77 28.62
N TYR B 107 11.13 -16.05 28.39
CA TYR B 107 11.21 -16.65 27.08
C TYR B 107 9.83 -16.69 26.41
N ALA B 108 9.76 -16.17 25.20
CA ALA B 108 8.54 -16.17 24.41
C ALA B 108 8.73 -17.12 23.22
N SER B 109 8.03 -18.25 23.24
CA SER B 109 8.34 -19.38 22.36
C SER B 109 7.89 -19.17 20.93
N LYS B 110 6.86 -18.36 20.70
CA LYS B 110 6.23 -18.30 19.39
C LYS B 110 6.76 -17.19 18.50
N GLY B 111 7.94 -16.66 18.83
CA GLY B 111 8.61 -15.67 18.02
C GLY B 111 7.91 -14.33 18.10
N ASN B 112 8.04 -13.52 17.05
CA ASN B 112 7.51 -12.18 17.11
C ASN B 112 6.15 -12.05 16.50
N LEU B 113 5.50 -10.96 16.80
CA LEU B 113 4.16 -10.71 16.37
C LEU B 113 3.98 -10.82 14.85
N ARG B 114 4.94 -10.27 14.09
CA ARG B 114 4.91 -10.39 12.63
C ARG B 114 4.82 -11.87 12.18
N GLU B 115 5.79 -12.66 12.61
CA GLU B 115 5.86 -14.07 12.24
C GLU B 115 4.65 -14.85 12.72
N TYR B 116 4.22 -14.54 13.94
CA TYR B 116 3.02 -15.14 14.49
C TYR B 116 1.79 -14.92 13.63
N LEU B 117 1.55 -13.69 13.18
CA LEU B 117 0.38 -13.41 12.34
C LEU B 117 0.53 -14.10 11.00
N GLN B 118 1.69 -13.94 10.38
CA GLN B 118 1.95 -14.51 9.06
C GLN B 118 1.72 -16.02 9.03
N ALA B 119 2.27 -16.73 10.01
CA ALA B 119 2.05 -18.17 10.15
C ALA B 119 0.57 -18.54 10.37
N ARG B 120 -0.35 -17.59 10.40
CA ARG B 120 -1.72 -17.90 10.75
C ARG B 120 -2.74 -17.18 9.90
N ARG B 121 -2.34 -16.80 8.69
CA ARG B 121 -3.28 -16.23 7.71
C ARG B 121 -4.44 -17.16 7.31
N GLN B 138 -5.11 -19.94 13.12
CA GLN B 138 -6.10 -18.97 12.62
C GLN B 138 -6.56 -18.04 13.75
N LEU B 139 -7.10 -16.89 13.41
CA LEU B 139 -7.42 -15.89 14.42
C LEU B 139 -8.73 -15.17 14.12
N SER B 140 -9.62 -15.15 15.08
CA SER B 140 -10.83 -14.34 14.98
C SER B 140 -10.50 -12.85 14.90
N SER B 141 -11.51 -12.06 14.56
CA SER B 141 -11.39 -10.61 14.62
C SER B 141 -11.08 -10.16 16.06
N LYS B 142 -11.65 -10.88 17.05
CA LYS B 142 -11.46 -10.62 18.47
C LYS B 142 -9.97 -10.76 18.86
N ASP B 143 -9.41 -11.94 18.58
CA ASP B 143 -7.99 -12.24 18.81
C ASP B 143 -7.11 -11.12 18.33
N LEU B 144 -7.31 -10.71 17.10
CA LEU B 144 -6.50 -9.61 16.56
C LEU B 144 -6.64 -8.32 17.38
N VAL B 145 -7.87 -8.03 17.81
CA VAL B 145 -8.15 -6.84 18.61
C VAL B 145 -7.53 -6.99 20.00
N SER B 146 -7.72 -8.14 20.62
CA SER B 146 -7.05 -8.49 21.86
C SER B 146 -5.49 -8.24 21.75
N CYS B 147 -4.94 -8.68 20.64
CA CYS B 147 -3.56 -8.37 20.25
C CYS B 147 -3.24 -6.87 20.38
N ALA B 148 -3.97 -6.06 19.65
CA ALA B 148 -3.84 -4.63 19.79
C ALA B 148 -3.96 -4.15 21.25
N TYR B 149 -4.90 -4.70 21.99
CA TYR B 149 -5.14 -4.32 23.41
C TYR B 149 -3.97 -4.62 24.34
N GLN B 150 -3.47 -5.85 24.25
CA GLN B 150 -2.35 -6.28 25.04
C GLN B 150 -1.13 -5.39 24.80
N VAL B 151 -0.87 -5.13 23.53
CA VAL B 151 0.24 -4.31 23.15
C VAL B 151 0.05 -2.91 23.68
N ALA B 152 -1.17 -2.39 23.58
CA ALA B 152 -1.44 -1.05 24.07
C ALA B 152 -1.26 -0.95 25.59
N ARG B 153 -1.70 -1.97 26.29
CA ARG B 153 -1.54 -2.08 27.73
C ARG B 153 -0.08 -1.96 28.13
N GLY B 154 0.74 -2.79 27.47
CA GLY B 154 2.16 -2.83 27.73
C GLY B 154 2.82 -1.48 27.48
N MET B 155 2.38 -0.80 26.43
CA MET B 155 2.85 0.55 26.19
C MET B 155 2.39 1.54 27.27
N GLU B 156 1.15 1.41 27.77
CA GLU B 156 0.63 2.35 28.77
C GLU B 156 1.52 2.27 29.99
N TYR B 157 1.92 1.02 30.33
CA TYR B 157 2.78 0.74 31.47
C TYR B 157 4.18 1.36 31.27
N LEU B 158 4.81 1.05 30.16
CA LEU B 158 6.11 1.64 29.81
C LEU B 158 6.08 3.16 29.86
N ALA B 159 5.09 3.75 29.21
CA ALA B 159 4.94 5.20 29.23
C ALA B 159 4.81 5.75 30.67
N SER B 160 4.21 5.00 31.58
CA SER B 160 3.97 5.48 32.93
C SER B 160 5.22 5.34 33.78
N LYS B 161 6.18 4.58 33.27
CA LYS B 161 7.49 4.50 33.85
C LYS B 161 8.49 5.31 33.01
N LYS B 162 7.99 6.28 32.25
CA LYS B 162 8.86 7.26 31.56
C LYS B 162 9.76 6.63 30.49
N CYS B 163 9.32 5.52 29.94
CA CYS B 163 10.04 4.79 28.91
C CYS B 163 9.42 5.03 27.51
N ILE B 164 10.25 5.50 26.57
CA ILE B 164 9.89 5.68 25.19
C ILE B 164 10.54 4.56 24.38
N HIS B 165 9.71 3.79 23.67
CA HIS B 165 10.23 2.69 22.91
C HIS B 165 11.11 3.13 21.77
N ARG B 166 10.60 4.02 20.93
CA ARG B 166 11.32 4.57 19.76
C ARG B 166 11.34 3.69 18.47
N ASP B 167 11.13 2.36 18.62
CA ASP B 167 10.94 1.48 17.44
C ASP B 167 9.86 0.43 17.67
N LEU B 168 8.78 0.84 18.30
CA LEU B 168 7.70 -0.05 18.49
C LEU B 168 7.26 -0.48 17.11
N ALA B 169 7.09 -1.80 16.96
CA ALA B 169 6.81 -2.50 15.69
C ALA B 169 6.55 -3.97 15.98
N ALA B 170 5.77 -4.62 15.13
CA ALA B 170 5.39 -6.02 15.38
C ALA B 170 6.59 -6.89 15.58
N ARG B 171 7.67 -6.60 14.88
CA ARG B 171 8.92 -7.31 15.04
C ARG B 171 9.42 -7.28 16.50
N ASN B 172 9.11 -6.21 17.24
CA ASN B 172 9.58 -6.03 18.61
C ASN B 172 8.56 -6.41 19.68
N VAL B 173 7.51 -7.09 19.28
CA VAL B 173 6.55 -7.69 20.20
C VAL B 173 6.74 -9.19 20.11
N LEU B 174 6.91 -9.85 21.24
CA LEU B 174 7.04 -11.29 21.27
C LEU B 174 5.72 -11.96 21.77
N VAL B 175 5.63 -13.28 21.52
CA VAL B 175 4.43 -14.07 21.80
C VAL B 175 4.76 -15.34 22.59
N THR B 176 4.25 -15.43 23.82
CA THR B 176 4.49 -16.61 24.68
C THR B 176 3.74 -17.89 24.23
N GLU B 177 4.11 -19.01 24.83
CA GLU B 177 3.43 -20.29 24.59
C GLU B 177 1.92 -20.08 24.72
N ASP B 178 1.51 -19.35 25.76
CA ASP B 178 0.09 -19.12 26.06
C ASP B 178 -0.45 -17.85 25.40
N ASN B 179 0.17 -17.46 24.28
CA ASN B 179 -0.29 -16.33 23.45
C ASN B 179 -0.38 -14.93 24.08
N VAL B 180 0.36 -14.66 25.15
CA VAL B 180 0.49 -13.28 25.65
C VAL B 180 1.50 -12.46 24.80
N MET B 181 1.10 -11.25 24.47
CA MET B 181 1.94 -10.32 23.78
C MET B 181 2.91 -9.67 24.79
N LYS B 182 4.16 -9.48 24.38
CA LYS B 182 5.15 -8.90 25.27
C LYS B 182 6.11 -7.96 24.48
N ILE B 183 6.03 -6.68 24.79
CA ILE B 183 6.98 -5.72 24.26
C ILE B 183 8.41 -6.15 24.61
N ALA B 184 9.28 -6.11 23.63
CA ALA B 184 10.70 -6.27 23.87
C ALA B 184 11.41 -5.04 23.38
N ASP B 185 12.72 -5.02 23.62
CA ASP B 185 13.62 -4.03 23.04
C ASP B 185 13.31 -2.62 23.54
N PHE B 186 12.62 -2.52 24.67
CA PHE B 186 12.19 -1.23 25.21
C PHE B 186 13.30 -0.59 26.08
N GLY B 187 14.34 -1.38 26.35
CA GLY B 187 15.45 -0.96 27.19
C GLY B 187 16.70 -0.59 26.42
N LEU B 188 16.72 -0.77 25.09
CA LEU B 188 17.95 -0.47 24.28
C LEU B 188 18.47 0.96 24.51
N ALA B 189 19.80 1.11 24.64
CA ALA B 189 20.45 2.45 24.65
C ALA B 189 20.52 3.06 23.23
N ASP B 196 20.90 6.17 10.89
CA ASP B 196 20.98 5.64 9.52
C ASP B 196 19.68 5.04 9.02
N TYR B 197 18.97 5.79 8.18
CA TYR B 197 17.66 5.38 7.65
C TYR B 197 17.69 4.32 6.58
N TYR B 198 18.86 4.06 6.03
CA TYR B 198 18.99 3.13 4.92
C TYR B 198 19.29 1.68 5.31
N LYS B 199 19.31 1.36 6.62
CA LYS B 199 19.58 -0.03 7.10
C LYS B 199 18.27 -0.78 7.27
N LYS B 200 18.15 -1.90 6.55
CA LYS B 200 16.92 -2.68 6.48
C LYS B 200 17.09 -4.05 7.14
N GLY B 204 13.22 -8.05 5.27
CA GLY B 204 14.20 -6.99 4.97
C GLY B 204 13.55 -5.62 4.69
N ARG B 205 12.97 -5.02 5.74
CA ARG B 205 12.16 -3.79 5.67
C ARG B 205 12.87 -2.55 6.31
N LEU B 206 12.33 -1.35 6.05
CA LEU B 206 12.96 -0.08 6.56
C LEU B 206 12.29 0.47 7.83
N PRO B 207 13.01 0.49 8.96
CA PRO B 207 12.38 0.90 10.23
C PRO B 207 11.78 2.32 10.27
N VAL B 208 12.28 3.20 9.39
CA VAL B 208 11.83 4.58 9.30
C VAL B 208 10.35 4.66 9.10
N LYS B 209 9.79 3.65 8.40
CA LYS B 209 8.36 3.53 8.09
C LYS B 209 7.41 3.33 9.28
N TRP B 210 7.98 3.33 10.48
CA TRP B 210 7.20 3.30 11.71
C TRP B 210 7.30 4.64 12.46
N MET B 211 8.15 5.54 12.00
CA MET B 211 8.45 6.76 12.78
C MET B 211 7.51 7.91 12.52
N ALA B 212 7.00 8.48 13.61
CA ALA B 212 6.23 9.71 13.53
C ALA B 212 7.02 10.77 12.79
N PRO B 213 6.31 11.65 12.04
CA PRO B 213 7.01 12.66 11.28
C PRO B 213 7.89 13.58 12.17
N GLU B 214 7.36 13.96 13.35
CA GLU B 214 8.13 14.79 14.24
C GLU B 214 9.46 14.12 14.64
N ALA B 215 9.46 12.80 14.76
CA ALA B 215 10.66 12.02 15.03
C ALA B 215 11.52 11.87 13.79
N LEU B 216 10.90 11.56 12.66
CA LEU B 216 11.65 11.36 11.41
C LEU B 216 12.41 12.63 10.99
N PHE B 217 11.71 13.76 11.03
CA PHE B 217 12.29 15.05 10.66
C PHE B 217 13.04 15.67 11.86
N ASP B 218 12.28 16.28 12.78
CA ASP B 218 12.82 17.05 13.91
C ASP B 218 13.58 16.27 14.97
N ARG B 219 13.74 14.95 14.77
CA ARG B 219 14.38 14.04 15.76
C ARG B 219 13.79 14.16 17.18
N ILE B 220 12.52 14.54 17.26
CA ILE B 220 11.74 14.66 18.49
C ILE B 220 11.00 13.35 18.82
N TYR B 221 11.31 12.80 19.98
CA TYR B 221 10.77 11.51 20.42
C TYR B 221 9.94 11.63 21.72
N THR B 222 8.65 11.28 21.66
CA THR B 222 7.80 11.26 22.86
C THR B 222 6.99 10.00 22.94
N HIS B 223 6.18 9.90 23.99
CA HIS B 223 5.14 8.91 24.05
C HIS B 223 4.15 9.00 22.89
N GLN B 224 3.95 10.21 22.38
CA GLN B 224 3.01 10.43 21.28
C GLN B 224 3.64 10.03 19.97
N SER B 225 4.97 9.95 19.94
CA SER B 225 5.61 9.48 18.73
C SER B 225 5.57 7.95 18.68
N ASP B 226 5.61 7.30 19.85
CA ASP B 226 5.29 5.89 19.99
C ASP B 226 3.82 5.59 19.63
N VAL B 227 2.93 6.54 19.88
CA VAL B 227 1.51 6.35 19.49
C VAL B 227 1.31 6.19 17.96
N TRP B 228 2.02 7.01 17.18
CA TRP B 228 2.05 6.89 15.72
C TRP B 228 2.54 5.50 15.30
N SER B 229 3.72 5.15 15.80
CA SER B 229 4.30 3.82 15.61
C SER B 229 3.26 2.72 15.89
N PHE B 230 2.52 2.90 16.97
CA PHE B 230 1.46 1.94 17.37
C PHE B 230 0.33 1.86 16.35
N GLY B 231 -0.03 3.00 15.74
CA GLY B 231 -0.93 3.01 14.62
C GLY B 231 -0.45 2.14 13.45
N VAL B 232 0.84 2.24 13.13
CA VAL B 232 1.39 1.42 12.07
C VAL B 232 1.37 -0.03 12.51
N LEU B 233 1.62 -0.27 13.78
CA LEU B 233 1.64 -1.66 14.28
C LEU B 233 0.22 -2.29 14.17
N LEU B 234 -0.79 -1.49 14.46
CA LEU B 234 -2.17 -1.88 14.29
C LEU B 234 -2.48 -2.29 12.83
N TRP B 235 -1.99 -1.51 11.88
CA TRP B 235 -1.99 -1.85 10.45
C TRP B 235 -1.33 -3.19 10.14
N GLU B 236 -0.18 -3.44 10.75
CA GLU B 236 0.48 -4.74 10.67
C GLU B 236 -0.48 -5.84 11.12
N ILE B 237 -1.15 -5.62 12.27
CA ILE B 237 -1.96 -6.65 12.91
C ILE B 237 -3.09 -7.03 11.95
N PHE B 238 -3.71 -6.01 11.35
CA PHE B 238 -4.92 -6.21 10.60
C PHE B 238 -4.70 -6.54 9.12
N THR B 239 -3.45 -6.46 8.68
CA THR B 239 -3.02 -7.03 7.39
C THR B 239 -2.29 -8.33 7.67
N LEU B 240 -2.40 -8.83 8.90
CA LEU B 240 -1.80 -10.10 9.31
C LEU B 240 -0.31 -10.19 8.88
N GLY B 241 0.49 -9.19 9.28
CA GLY B 241 1.96 -9.19 9.04
C GLY B 241 2.41 -8.48 7.77
N GLY B 242 1.53 -7.65 7.21
CA GLY B 242 1.82 -6.97 5.96
C GLY B 242 2.94 -5.96 6.11
N SER B 243 3.61 -5.74 5.00
CA SER B 243 4.79 -4.86 4.89
C SER B 243 4.35 -3.43 4.55
N PRO B 244 4.58 -2.46 5.46
CA PRO B 244 4.18 -1.10 5.09
C PRO B 244 5.04 -0.56 3.95
N TYR B 245 4.37 0.07 2.99
CA TYR B 245 5.00 0.81 1.92
C TYR B 245 6.00 -0.02 1.10
N PRO B 246 5.58 -1.23 0.65
CA PRO B 246 6.56 -2.05 -0.05
C PRO B 246 7.00 -1.35 -1.28
N GLY B 247 8.31 -1.43 -1.56
CA GLY B 247 8.97 -0.80 -2.70
C GLY B 247 9.31 0.68 -2.58
N VAL B 248 8.96 1.31 -1.47
CA VAL B 248 9.19 2.74 -1.26
C VAL B 248 10.51 3.01 -0.53
N PRO B 249 11.45 3.67 -1.20
CA PRO B 249 12.67 4.01 -0.49
C PRO B 249 12.48 5.25 0.42
N VAL B 250 13.53 5.53 1.20
CA VAL B 250 13.48 6.58 2.24
C VAL B 250 13.07 7.94 1.64
N GLU B 251 13.67 8.32 0.53
CA GLU B 251 13.45 9.64 -0.03
C GLU B 251 11.99 9.76 -0.37
N GLU B 252 11.46 8.76 -1.08
CA GLU B 252 10.04 8.78 -1.42
C GLU B 252 9.13 8.79 -0.19
N LEU B 253 9.56 8.16 0.89
CA LEU B 253 8.78 8.15 2.14
C LEU B 253 8.70 9.57 2.76
N PHE B 254 9.80 10.29 2.73
CA PHE B 254 9.78 11.71 3.15
C PHE B 254 8.75 12.48 2.31
N LYS B 255 8.71 12.18 1.00
CA LYS B 255 7.71 12.74 0.09
C LYS B 255 6.28 12.47 0.54
N LEU B 256 5.96 11.21 0.86
CA LEU B 256 4.57 10.84 1.19
C LEU B 256 4.09 11.45 2.52
N LEU B 257 5.00 11.48 3.48
CA LEU B 257 4.69 12.09 4.74
C LEU B 257 4.46 13.62 4.60
N LYS B 258 5.32 14.29 3.85
CA LYS B 258 5.14 15.72 3.51
C LYS B 258 3.78 16.04 2.83
N GLU B 259 3.40 15.21 1.84
CA GLU B 259 2.10 15.28 1.15
C GLU B 259 0.93 14.97 2.07
N GLY B 260 1.21 14.50 3.29
CA GLY B 260 0.16 14.07 4.20
C GLY B 260 -0.49 12.74 3.84
N HIS B 261 0.24 11.91 3.10
CA HIS B 261 -0.24 10.58 2.76
C HIS B 261 -0.49 9.73 3.99
N ARG B 262 -1.45 8.83 3.87
CA ARG B 262 -1.75 7.88 4.93
C ARG B 262 -2.08 6.57 4.26
N MET B 263 -1.66 5.45 4.86
CA MET B 263 -1.88 4.16 4.23
C MET B 263 -3.37 3.99 4.10
N ASP B 264 -3.76 3.21 3.09
CA ASP B 264 -5.16 2.88 2.85
C ASP B 264 -5.64 2.07 4.04
N LYS B 265 -6.93 2.10 4.27
CA LYS B 265 -7.57 1.16 5.19
C LYS B 265 -7.32 -0.24 4.67
N PRO B 266 -6.81 -1.14 5.52
CA PRO B 266 -6.76 -2.52 5.07
C PRO B 266 -8.15 -3.12 4.95
N SER B 267 -8.25 -4.10 4.07
CA SER B 267 -9.39 -4.97 3.99
C SER B 267 -9.34 -5.86 5.22
N ASN B 268 -10.51 -6.23 5.72
CA ASN B 268 -10.66 -7.03 6.94
C ASN B 268 -10.33 -6.17 8.15
N CYS B 269 -11.17 -5.15 8.36
CA CYS B 269 -10.91 -4.12 9.35
C CYS B 269 -12.02 -3.07 9.41
N THR B 270 -12.74 -3.06 10.53
CA THR B 270 -13.84 -2.10 10.74
C THR B 270 -13.44 -0.62 10.48
N ASN B 271 -14.40 0.21 10.11
CA ASN B 271 -14.12 1.65 9.95
C ASN B 271 -13.66 2.31 11.28
N GLU B 272 -14.04 1.73 12.42
CA GLU B 272 -13.64 2.19 13.74
C GLU B 272 -12.12 2.05 13.94
N LEU B 273 -11.64 0.82 13.81
CA LEU B 273 -10.22 0.48 13.92
C LEU B 273 -9.36 1.28 12.96
N TYR B 274 -9.89 1.60 11.78
CA TYR B 274 -9.14 2.36 10.79
C TYR B 274 -9.13 3.85 11.18
N MET B 275 -10.10 4.26 11.96
CA MET B 275 -10.11 5.63 12.46
C MET B 275 -9.12 5.72 13.63
N MET B 276 -8.99 4.63 14.36
CA MET B 276 -7.97 4.55 15.40
C MET B 276 -6.60 4.82 14.80
N MET B 277 -6.27 4.16 13.68
CA MET B 277 -4.97 4.33 13.03
C MET B 277 -4.79 5.74 12.50
N ARG B 278 -5.83 6.30 11.87
CA ARG B 278 -5.74 7.66 11.31
C ARG B 278 -5.58 8.67 12.44
N ASP B 279 -6.24 8.44 13.59
CA ASP B 279 -6.03 9.27 14.81
C ASP B 279 -4.56 9.24 15.30
N CYS B 280 -4.02 8.04 15.43
CA CYS B 280 -2.62 7.83 15.70
C CYS B 280 -1.75 8.53 14.67
N TRP B 281 -2.24 8.71 13.44
CA TRP B 281 -1.44 9.34 12.40
C TRP B 281 -1.83 10.81 12.17
N HIS B 282 -2.48 11.39 13.17
CA HIS B 282 -2.69 12.82 13.18
C HIS B 282 -1.35 13.50 13.21
N ALA B 283 -1.09 14.41 12.27
CA ALA B 283 0.23 15.04 12.17
C ALA B 283 0.66 15.75 13.46
N VAL B 284 -0.22 16.53 14.06
CA VAL B 284 0.02 17.10 15.41
C VAL B 284 0.00 16.05 16.53
N PRO B 285 1.14 15.83 17.19
CA PRO B 285 1.26 14.77 18.22
C PRO B 285 0.29 14.89 19.39
N SER B 286 0.10 16.13 19.87
CA SER B 286 -0.76 16.39 21.02
C SER B 286 -2.23 16.06 20.74
N GLN B 287 -2.55 15.80 19.49
CA GLN B 287 -3.90 15.48 19.07
C GLN B 287 -4.11 14.00 18.76
N ARG B 288 -3.07 13.17 18.80
CA ARG B 288 -3.26 11.73 18.78
C ARG B 288 -3.77 11.30 20.15
N PRO B 289 -4.48 10.17 20.22
CA PRO B 289 -4.82 9.69 21.54
C PRO B 289 -3.60 9.28 22.38
N THR B 290 -3.81 9.14 23.69
CA THR B 290 -2.83 8.53 24.57
C THR B 290 -2.96 7.03 24.56
N PHE B 291 -1.98 6.35 25.15
CA PHE B 291 -2.08 4.92 25.32
C PHE B 291 -3.20 4.64 26.32
N LYS B 292 -3.34 5.50 27.31
CA LYS B 292 -4.40 5.39 28.28
C LYS B 292 -5.72 5.29 27.52
N GLN B 293 -5.95 6.22 26.59
CA GLN B 293 -7.17 6.25 25.81
C GLN B 293 -7.30 5.04 24.88
N LEU B 294 -6.18 4.68 24.22
CA LEU B 294 -6.16 3.55 23.30
C LEU B 294 -6.45 2.27 24.04
N VAL B 295 -5.92 2.14 25.24
CA VAL B 295 -6.27 1.00 26.05
C VAL B 295 -7.79 0.99 26.32
N GLU B 296 -8.37 2.16 26.60
CA GLU B 296 -9.81 2.25 26.94
C GLU B 296 -10.70 1.99 25.75
N ASP B 297 -10.34 2.47 24.56
CA ASP B 297 -11.12 2.24 23.33
C ASP B 297 -11.08 0.76 22.94
N LEU B 298 -9.87 0.19 22.98
CA LEU B 298 -9.67 -1.21 22.60
C LEU B 298 -10.36 -2.17 23.59
N ASP B 299 -10.35 -1.78 24.86
CA ASP B 299 -11.13 -2.52 25.85
C ASP B 299 -12.60 -2.57 25.40
N ARG B 300 -13.15 -1.40 25.10
CA ARG B 300 -14.54 -1.29 24.69
C ARG B 300 -14.77 -2.17 23.46
N ILE B 301 -13.91 -2.03 22.46
CA ILE B 301 -14.00 -2.75 21.18
C ILE B 301 -13.88 -4.27 21.31
N VAL B 302 -12.93 -4.76 22.11
CA VAL B 302 -12.78 -6.21 22.37
C VAL B 302 -14.09 -6.81 22.86
N ALA B 303 -14.68 -6.13 23.84
CA ALA B 303 -15.95 -6.55 24.43
C ALA B 303 -17.04 -6.77 23.38
N LEU B 304 -17.07 -5.89 22.37
CA LEU B 304 -18.11 -5.86 21.32
C LEU B 304 -17.71 -6.46 19.97
N THR B 305 -16.83 -7.48 19.96
CA THR B 305 -16.38 -8.08 18.68
C THR B 305 -16.51 -9.61 18.75
C1 2M2 C . -8.48 11.23 -22.73
C2 2M2 C . -8.46 12.63 -23.31
C3 2M2 C . -8.76 13.88 -22.68
C4 2M2 C . -8.63 14.83 -23.65
C5 2M2 C . -8.81 16.31 -23.55
N6 2M2 C . -9.17 16.58 -22.15
C7 2M2 C . -10.48 16.61 -21.75
N8 2M2 C . -10.76 17.16 -20.56
C9 2M2 C . -12.03 17.21 -20.10
C10 2M2 C . -13.05 16.67 -20.87
C11 2M2 C . -12.71 16.09 -22.11
N12 2M2 C . -13.73 15.61 -22.89
C13 2M2 C . -13.54 14.91 -24.07
C14 2M2 C . -12.37 14.64 -24.77
C15 2M2 C . -12.71 13.87 -25.86
C16 2M2 C . -11.84 13.24 -26.91
C17 2M2 C . -11.14 14.29 -27.72
C18 2M2 C . -10.54 13.71 -28.98
C19 2M2 C . -10.76 14.38 -30.20
C20 2M2 C . -10.18 13.87 -31.37
C21 2M2 C . -9.38 12.72 -31.30
C22 2M2 C . -9.16 12.09 -30.08
C23 2M2 C . -9.74 12.59 -28.92
N24 2M2 C . -14.04 13.70 -25.80
N26 2M2 C . -14.54 14.37 -24.66
N27 2M2 C . -11.44 16.08 -22.52
O28 2M2 C . -8.28 14.16 -24.76
N29 2M2 C . -8.20 12.95 -24.55
C1 2M2 D . 12.84 -9.13 19.77
C2 2M2 D . 13.85 -10.22 19.99
C3 2M2 D . 14.01 -11.46 19.30
C4 2M2 D . 15.10 -12.05 19.90
C5 2M2 D . 15.74 -13.37 19.61
N6 2M2 D . 14.93 -14.08 18.61
C7 2M2 D . 13.91 -14.89 19.07
N8 2M2 D . 13.30 -15.71 18.22
C9 2M2 D . 12.30 -16.51 18.63
C10 2M2 D . 11.90 -16.49 19.96
C11 2M2 D . 12.60 -15.61 20.80
N12 2M2 D . 12.27 -15.58 22.12
C13 2M2 D . 12.55 -14.64 23.10
C14 2M2 D . 13.50 -13.60 23.15
C15 2M2 D . 13.31 -13.01 24.36
C16 2M2 D . 13.98 -11.82 25.00
C17 2M2 D . 15.38 -11.69 24.46
C18 2M2 D . 16.09 -10.72 25.36
C19 2M2 D . 15.81 -9.37 25.21
C20 2M2 D . 16.43 -8.48 26.05
C21 2M2 D . 17.30 -8.92 27.02
C22 2M2 D . 17.59 -10.27 27.16
C23 2M2 D . 16.98 -11.18 26.32
N24 2M2 D . 12.30 -13.65 25.00
N26 2M2 D . 11.85 -14.67 24.18
N27 2M2 D . 13.57 -14.85 20.34
O28 2M2 D . 15.49 -11.21 20.88
N29 2M2 D . 14.79 -10.20 20.90
#